data_3NWN
#
_entry.id   3NWN
#
_cell.length_a   90.443
_cell.length_b   90.443
_cell.length_c   76.380
_cell.angle_alpha   90.00
_cell.angle_beta   90.00
_cell.angle_gamma   120.00
#
_symmetry.space_group_name_H-M   'P 63'
#
loop_
_entity.id
_entity.type
_entity.pdbx_description
1 polymer 'Kinesin-like protein KIF9'
2 non-polymer 'MAGNESIUM ION'
3 non-polymer 'CHLORIDE ION'
4 non-polymer "ADENOSINE-5'-DIPHOSPHATE"
5 non-polymer 'UNKNOWN ATOM OR ION'
6 water water
#
_entity_poly.entity_id   1
_entity_poly.type   'polypeptide(L)'
_entity_poly.pdbx_seq_one_letter_code
;MGSSHHHHHHSSGLVPRGSMGTRKKVHAFVRVKPTDDFAHEMIRYGDDKRSIDIHLKKDIRRGVVNNQQTDWSFKLDGVL
HDASQDLVYETVAKDVVSQALDGYNGTIMCYGQTGAGKTYTMMGATENYKHRGILPRALQQVFRMIEERPTHAITVRVSY
LEIYNESLFDLLSTLPYVGPSVTPMTIVENPQGVFIKGLSVHLTSQEEDAFSLLFEGETNRIIASHTMNKNSSRSHCIFT
IYLEAHSRTLSEEKYITSKINLVDLAGSERLGKSGSEGQVLKEATYINKSLSFLEQAIIALGDQKRDHIPFRQCKLTHAL
KDSLGGNCNMVLVTNIYGEAAQLEETLSSLRFASRMKLV
;
_entity_poly.pdbx_strand_id   A
#
# COMPACT_ATOMS: atom_id res chain seq x y z
N LYS A 24 -15.81 10.17 -4.81
CA LYS A 24 -14.64 9.94 -5.74
C LYS A 24 -13.85 8.68 -5.35
N LYS A 25 -13.42 7.94 -6.38
CA LYS A 25 -12.89 6.58 -6.22
C LYS A 25 -11.38 6.50 -5.99
N VAL A 26 -10.60 7.47 -6.51
CA VAL A 26 -9.14 7.44 -6.36
C VAL A 26 -8.65 8.61 -5.51
N HIS A 27 -7.84 8.32 -4.48
CA HIS A 27 -7.19 9.36 -3.65
C HIS A 27 -5.66 9.18 -3.65
N ALA A 28 -4.92 10.28 -3.64
CA ALA A 28 -3.47 10.25 -3.46
C ALA A 28 -3.06 11.16 -2.30
N PHE A 29 -2.47 10.59 -1.26
CA PHE A 29 -1.89 11.31 -0.16
C PHE A 29 -0.36 11.22 -0.12
N VAL A 30 0.24 12.14 0.61
CA VAL A 30 1.68 12.15 0.90
C VAL A 30 1.88 12.14 2.40
N ARG A 31 2.72 11.25 2.90
CA ARG A 31 3.15 11.32 4.29
C ARG A 31 4.65 11.57 4.34
N VAL A 32 5.03 12.68 4.97
CA VAL A 32 6.44 13.00 5.14
C VAL A 32 6.95 12.33 6.41
N LYS A 33 8.15 11.76 6.32
CA LYS A 33 8.80 11.12 7.45
C LYS A 33 9.43 12.21 8.31
N PRO A 34 9.17 12.18 9.65
CA PRO A 34 9.72 13.16 10.58
C PRO A 34 11.24 13.06 10.70
N THR A 35 11.86 14.20 10.99
CA THR A 35 13.31 14.34 10.94
C THR A 35 13.77 15.53 11.81
N ASP A 36 14.91 15.37 12.48
CA ASP A 36 15.50 16.50 13.19
C ASP A 36 16.11 17.50 12.21
N ASP A 37 16.48 17.01 11.01
CA ASP A 37 17.12 17.81 9.96
C ASP A 37 16.21 18.03 8.71
N PHE A 38 15.04 18.61 8.93
CA PHE A 38 14.11 18.89 7.83
C PHE A 38 14.68 19.88 6.82
N ALA A 39 14.34 19.68 5.54
CA ALA A 39 14.87 20.47 4.44
C ALA A 39 13.99 21.71 4.26
N HIS A 40 14.05 22.62 5.24
CA HIS A 40 13.13 23.78 5.31
CA HIS A 40 13.10 23.75 5.29
C HIS A 40 13.12 24.62 4.03
N GLU A 41 14.29 24.83 3.46
CA GLU A 41 14.42 25.69 2.26
C GLU A 41 13.87 25.01 0.99
N MET A 42 13.87 23.69 1.00
CA MET A 42 13.65 22.91 -0.20
C MET A 42 12.27 22.23 -0.25
N ILE A 43 11.65 22.06 0.92
CA ILE A 43 10.30 21.45 1.04
C ILE A 43 9.29 22.42 1.68
N ARG A 44 8.25 22.81 0.94
CA ARG A 44 7.23 23.78 1.41
C ARG A 44 5.79 23.29 1.26
N TYR A 45 5.08 23.29 2.39
CA TYR A 45 3.70 22.85 2.46
C TYR A 45 2.74 23.99 2.16
N GLY A 46 1.77 23.72 1.27
CA GLY A 46 0.76 24.70 0.93
C GLY A 46 -0.19 24.93 2.09
N ASP A 47 -0.83 26.10 2.10
CA ASP A 47 -1.80 26.43 3.15
C ASP A 47 -2.98 25.47 3.10
N ASP A 48 -3.34 25.05 1.89
CA ASP A 48 -4.49 24.19 1.65
C ASP A 48 -4.39 22.77 2.25
N LYS A 49 -3.21 22.43 2.79
CA LYS A 49 -2.90 21.09 3.33
C LYS A 49 -3.02 19.96 2.29
N ARG A 50 -2.98 20.33 1.02
CA ARG A 50 -3.05 19.41 -0.11
C ARG A 50 -1.88 19.59 -1.07
N SER A 51 -1.17 20.72 -0.97
CA SER A 51 -0.04 21.06 -1.85
C SER A 51 1.30 20.92 -1.18
N ILE A 52 2.30 20.65 -2.01
CA ILE A 52 3.68 20.53 -1.59
C ILE A 52 4.56 21.00 -2.77
N ASP A 53 5.55 21.84 -2.45
CA ASP A 53 6.46 22.41 -3.43
C ASP A 53 7.87 22.01 -3.07
N ILE A 54 8.64 21.66 -4.10
CA ILE A 54 10.02 21.22 -3.97
C ILE A 54 10.91 22.22 -4.71
N HIS A 55 11.95 22.68 -4.03
CA HIS A 55 12.92 23.62 -4.56
C HIS A 55 14.30 23.04 -4.40
N LEU A 56 14.80 22.45 -5.47
CA LEU A 56 16.11 21.80 -5.41
C LEU A 56 17.17 22.89 -5.32
N LYS A 57 18.36 22.49 -4.86
CA LYS A 57 19.50 23.38 -4.86
C LYS A 57 20.04 23.45 -6.28
N LYS A 58 20.30 24.68 -6.73
CA LYS A 58 20.91 24.92 -8.04
C LYS A 58 22.20 24.12 -8.21
N ASP A 59 22.38 23.51 -9.38
CA ASP A 59 23.64 22.81 -9.71
C ASP A 59 24.78 23.83 -9.81
N ILE A 60 25.98 23.40 -9.42
CA ILE A 60 27.16 24.26 -9.47
C ILE A 60 27.77 24.38 -10.91
N ARG A 61 27.48 23.39 -11.76
CA ARG A 61 28.00 23.38 -13.14
C ARG A 61 27.33 24.46 -14.00
N ARG A 62 28.15 25.28 -14.66
CA ARG A 62 27.65 26.40 -15.46
C ARG A 62 26.67 25.95 -16.59
N GLY A 63 26.98 24.87 -17.29
CA GLY A 63 26.08 24.36 -18.34
C GLY A 63 24.73 23.86 -17.83
N VAL A 64 24.71 23.40 -16.58
CA VAL A 64 23.52 22.78 -15.98
C VAL A 64 22.55 23.84 -15.35
N VAL A 65 23.11 24.70 -14.49
CA VAL A 65 22.34 25.61 -13.63
C VAL A 65 21.29 26.46 -14.37
N ASN A 66 21.57 26.86 -15.61
CA ASN A 66 20.60 27.71 -16.34
C ASN A 66 19.76 26.97 -17.41
N ASN A 67 19.86 25.64 -17.39
CA ASN A 67 19.04 24.79 -18.27
C ASN A 67 18.14 23.77 -17.53
N GLN A 68 18.21 23.79 -16.21
CA GLN A 68 17.58 22.75 -15.40
C GLN A 68 16.47 23.33 -14.54
N GLN A 69 15.36 22.60 -14.50
CA GLN A 69 14.23 22.93 -13.66
C GLN A 69 14.61 22.56 -12.23
N THR A 70 14.49 23.52 -11.32
CA THR A 70 14.73 23.24 -9.91
C THR A 70 13.45 23.35 -9.04
N ASP A 71 12.38 23.92 -9.57
CA ASP A 71 11.15 24.11 -8.79
C ASP A 71 9.99 23.35 -9.36
N TRP A 72 9.33 22.64 -8.46
CA TRP A 72 8.20 21.80 -8.78
C TRP A 72 7.07 22.03 -7.75
N SER A 73 5.83 22.02 -8.22
CA SER A 73 4.66 22.11 -7.35
C SER A 73 3.72 20.93 -7.59
N PHE A 74 3.15 20.41 -6.50
CA PHE A 74 2.30 19.23 -6.53
C PHE A 74 1.05 19.47 -5.71
N LYS A 75 -0.11 19.12 -6.28
CA LYS A 75 -1.36 19.18 -5.53
C LYS A 75 -1.98 17.77 -5.44
N LEU A 76 -2.10 17.27 -4.22
CA LEU A 76 -2.60 15.91 -3.98
C LEU A 76 -3.83 16.03 -3.08
N ASP A 77 -4.39 14.91 -2.63
CA ASP A 77 -5.62 14.94 -1.84
C ASP A 77 -5.36 15.35 -0.39
N GLY A 78 -4.10 15.22 0.02
CA GLY A 78 -3.71 15.55 1.37
C GLY A 78 -2.21 15.35 1.55
N VAL A 79 -1.62 16.24 2.34
CA VAL A 79 -0.20 16.16 2.69
C VAL A 79 -0.12 16.09 4.17
N LEU A 80 0.48 15.02 4.68
CA LEU A 80 0.57 14.77 6.10
C LEU A 80 2.03 14.81 6.54
N HIS A 81 2.37 15.73 7.42
CA HIS A 81 3.71 15.75 7.98
C HIS A 81 3.61 15.77 9.50
N ASP A 82 4.52 15.09 10.19
CA ASP A 82 4.44 14.96 11.65
C ASP A 82 3.04 14.50 12.12
N ALA A 83 2.42 13.61 11.33
CA ALA A 83 1.06 13.09 11.55
C ALA A 83 1.07 11.83 12.38
N SER A 84 0.17 11.74 13.35
CA SER A 84 0.05 10.55 14.18
C SER A 84 -0.46 9.41 13.32
N GLN A 85 -0.21 8.20 13.79
CA GLN A 85 -0.81 7.00 13.21
C GLN A 85 -2.33 7.07 13.21
N ASP A 86 -2.89 7.62 14.29
CA ASP A 86 -4.31 7.74 14.42
C ASP A 86 -4.83 8.66 13.31
N LEU A 87 -4.08 9.73 13.02
CA LEU A 87 -4.51 10.72 12.03
C LEU A 87 -4.35 10.20 10.62
N VAL A 88 -3.30 9.43 10.36
CA VAL A 88 -3.15 8.84 9.02
C VAL A 88 -4.35 7.92 8.73
N TYR A 89 -4.70 7.07 9.70
CA TYR A 89 -5.77 6.11 9.49
C TYR A 89 -7.11 6.82 9.20
N GLU A 90 -7.41 7.83 9.98
CA GLU A 90 -8.65 8.56 9.87
C GLU A 90 -8.72 9.23 8.48
N THR A 91 -7.57 9.72 8.02
CA THR A 91 -7.51 10.50 6.80
C THR A 91 -7.54 9.65 5.54
N VAL A 92 -6.65 8.60 5.41
CA VAL A 92 -6.45 7.80 4.18
C VAL A 92 -7.32 6.54 4.10
N ALA A 93 -7.60 5.94 5.30
CA ALA A 93 -8.07 4.56 5.31
C ALA A 93 -9.50 4.32 5.74
N LYS A 94 -9.91 5.06 6.75
CA LYS A 94 -11.19 4.85 7.46
C LYS A 94 -12.39 4.67 6.53
N ASP A 95 -12.53 5.56 5.55
CA ASP A 95 -13.70 5.54 4.64
C ASP A 95 -13.70 4.33 3.69
N VAL A 96 -12.52 3.96 3.23
CA VAL A 96 -12.41 2.86 2.29
C VAL A 96 -12.82 1.54 2.98
N VAL A 97 -12.48 1.41 4.25
CA VAL A 97 -12.82 0.21 5.04
C VAL A 97 -14.33 0.23 5.31
N SER A 98 -14.91 1.43 5.43
CA SER A 98 -16.36 1.57 5.65
C SER A 98 -17.16 1.14 4.43
N GLN A 99 -16.78 1.65 3.28
CA GLN A 99 -17.38 1.27 2.04
C GLN A 99 -17.31 -0.24 1.72
N ALA A 100 -16.31 -0.92 2.26
CA ALA A 100 -16.10 -2.36 2.03
C ALA A 100 -17.21 -3.19 2.60
N LEU A 101 -17.70 -2.84 3.78
CA LEU A 101 -18.83 -3.60 4.38
C LEU A 101 -20.13 -3.46 3.58
N ASP A 102 -20.19 -2.41 2.77
CA ASP A 102 -21.31 -2.17 1.89
C ASP A 102 -21.15 -2.81 0.50
N GLY A 103 -20.00 -3.46 0.27
CA GLY A 103 -19.77 -4.21 -0.96
C GLY A 103 -18.84 -3.60 -1.97
N TYR A 104 -18.18 -2.50 -1.60
CA TYR A 104 -17.26 -1.82 -2.51
C TYR A 104 -15.79 -2.24 -2.22
N ASN A 105 -15.12 -2.77 -3.23
CA ASN A 105 -13.71 -3.14 -3.08
C ASN A 105 -12.85 -1.92 -2.81
N GLY A 106 -11.85 -2.10 -1.94
CA GLY A 106 -10.98 -1.02 -1.51
C GLY A 106 -9.54 -1.49 -1.52
N THR A 107 -8.66 -0.67 -2.07
CA THR A 107 -7.21 -0.94 -1.97
C THR A 107 -6.46 0.26 -1.36
N ILE A 108 -5.67 0.00 -0.33
CA ILE A 108 -4.75 0.97 0.23
C ILE A 108 -3.31 0.51 -0.01
N MET A 109 -2.54 1.38 -0.67
CA MET A 109 -1.18 1.06 -1.15
C MET A 109 -0.12 2.05 -0.65
N CYS A 110 0.91 1.56 0.03
CA CYS A 110 2.06 2.42 0.40
C CYS A 110 3.19 2.30 -0.63
N TYR A 111 3.69 3.46 -1.05
CA TYR A 111 4.66 3.63 -2.15
C TYR A 111 5.74 4.63 -1.71
N GLY A 112 6.97 4.44 -2.17
CA GLY A 112 8.08 5.33 -1.78
C GLY A 112 9.40 4.61 -1.59
N GLN A 113 10.48 5.36 -1.42
CA GLN A 113 11.80 4.76 -1.40
C GLN A 113 11.96 4.03 -0.09
N THR A 114 12.86 3.05 -0.10
CA THR A 114 13.25 2.32 1.09
C THR A 114 13.72 3.31 2.15
N GLY A 115 13.12 3.21 3.33
CA GLY A 115 13.40 4.04 4.46
C GLY A 115 12.43 5.17 4.70
N ALA A 116 11.61 5.48 3.69
CA ALA A 116 10.68 6.61 3.76
C ALA A 116 9.48 6.41 4.74
N GLY A 117 9.09 5.18 5.05
CA GLY A 117 7.99 4.92 6.03
C GLY A 117 6.80 4.05 5.59
N LYS A 118 6.93 3.34 4.48
CA LYS A 118 5.91 2.41 3.99
C LYS A 118 5.50 1.37 5.02
N THR A 119 6.46 0.68 5.63
CA THR A 119 6.11 -0.43 6.56
C THR A 119 5.62 0.12 7.88
N TYR A 120 6.18 1.25 8.33
CA TYR A 120 5.72 1.93 9.52
C TYR A 120 4.27 2.44 9.34
N THR A 121 3.96 2.96 8.16
CA THR A 121 2.61 3.46 7.86
C THR A 121 1.60 2.28 7.77
N MET A 122 1.99 1.21 7.11
CA MET A 122 1.07 0.08 6.84
C MET A 122 0.97 -0.91 8.02
N MET A 123 2.11 -1.34 8.55
CA MET A 123 2.15 -2.21 9.74
C MET A 123 2.22 -1.38 11.02
N GLY A 124 3.13 -0.42 11.05
CA GLY A 124 3.46 0.31 12.29
C GLY A 124 4.18 -0.52 13.34
N ALA A 125 4.31 0.10 14.52
CA ALA A 125 4.90 -0.50 15.72
C ALA A 125 4.15 -1.77 16.12
N THR A 126 4.89 -2.86 16.22
CA THR A 126 4.35 -4.15 16.53
C THR A 126 4.31 -4.37 18.04
N GLU A 127 4.75 -3.38 18.83
CA GLU A 127 4.87 -3.49 20.29
C GLU A 127 4.37 -2.28 21.13
N ASN A 128 3.50 -1.45 20.55
CA ASN A 128 2.66 -0.56 21.33
C ASN A 128 1.46 -0.06 20.52
N TYR A 129 0.27 -0.25 21.10
CA TYR A 129 -1.03 0.07 20.46
C TYR A 129 -1.06 1.38 19.70
N LYS A 130 -0.68 2.50 20.34
CA LYS A 130 -0.82 3.86 19.79
C LYS A 130 -0.18 4.06 18.41
N HIS A 131 0.92 3.36 18.20
CA HIS A 131 1.73 3.51 17.01
C HIS A 131 1.52 2.40 16.00
N ARG A 132 0.45 1.59 16.17
CA ARG A 132 0.13 0.53 15.20
C ARG A 132 -0.36 1.18 13.90
N GLY A 133 -0.15 0.52 12.78
CA GLY A 133 -0.48 1.10 11.49
C GLY A 133 -1.86 0.76 10.93
N ILE A 134 -1.97 1.03 9.63
CA ILE A 134 -3.19 0.94 8.88
C ILE A 134 -3.82 -0.46 8.90
N LEU A 135 -2.99 -1.47 8.66
CA LEU A 135 -3.44 -2.84 8.47
C LEU A 135 -4.18 -3.35 9.71
N PRO A 136 -3.53 -3.34 10.92
CA PRO A 136 -4.23 -3.71 12.16
C PRO A 136 -5.47 -2.88 12.54
N ARG A 137 -5.42 -1.59 12.26
CA ARG A 137 -6.59 -0.72 12.45
C ARG A 137 -7.74 -1.10 11.52
N ALA A 138 -7.41 -1.53 10.31
CA ALA A 138 -8.41 -2.00 9.35
C ALA A 138 -9.13 -3.24 9.85
N LEU A 139 -8.35 -4.21 10.34
CA LEU A 139 -8.92 -5.42 10.95
C LEU A 139 -9.78 -5.11 12.16
N GLN A 140 -9.33 -4.13 12.93
CA GLN A 140 -10.06 -3.71 14.11
C GLN A 140 -11.39 -3.03 13.77
N GLN A 141 -11.36 -2.14 12.77
CA GLN A 141 -12.53 -1.47 12.26
C GLN A 141 -13.57 -2.42 11.64
N VAL A 142 -13.12 -3.33 10.79
CA VAL A 142 -14.03 -4.39 10.27
C VAL A 142 -14.87 -5.08 11.36
N PHE A 143 -14.22 -5.62 12.39
CA PHE A 143 -14.90 -6.34 13.44
C PHE A 143 -15.72 -5.45 14.37
N ARG A 144 -15.34 -4.20 14.49
CA ARG A 144 -16.08 -3.20 15.25
C ARG A 144 -17.38 -2.93 14.50
N MET A 145 -17.24 -2.61 13.22
CA MET A 145 -18.39 -2.40 12.34
C MET A 145 -19.39 -3.56 12.32
N ILE A 146 -18.91 -4.80 12.37
CA ILE A 146 -19.78 -6.00 12.44
C ILE A 146 -20.69 -5.97 13.67
N GLU A 147 -20.24 -5.33 14.74
CA GLU A 147 -21.05 -5.17 15.94
C GLU A 147 -22.18 -4.16 15.77
N GLU A 148 -22.00 -3.18 14.89
CA GLU A 148 -23.02 -2.18 14.64
C GLU A 148 -24.08 -2.68 13.66
N ARG A 149 -23.97 -3.93 13.24
CA ARG A 149 -24.85 -4.49 12.21
CA ARG A 149 -24.84 -4.49 12.24
C ARG A 149 -25.36 -5.81 12.74
N PRO A 150 -26.06 -5.79 13.86
CA PRO A 150 -26.44 -7.04 14.54
C PRO A 150 -27.40 -7.93 13.74
N THR A 151 -28.13 -7.39 12.76
CA THR A 151 -29.05 -8.26 12.00
C THR A 151 -28.37 -8.89 10.74
N HIS A 152 -27.10 -8.58 10.55
CA HIS A 152 -26.34 -9.07 9.38
C HIS A 152 -25.39 -10.17 9.79
N ALA A 153 -25.32 -11.22 8.97
CA ALA A 153 -24.39 -12.30 9.23
C ALA A 153 -23.17 -11.93 8.41
N ILE A 154 -22.11 -11.46 9.09
CA ILE A 154 -20.89 -10.98 8.39
C ILE A 154 -19.74 -11.93 8.67
N THR A 155 -19.11 -12.44 7.59
CA THR A 155 -18.04 -13.44 7.68
C THR A 155 -16.72 -12.85 7.10
N VAL A 156 -15.64 -13.00 7.85
CA VAL A 156 -14.36 -12.42 7.49
C VAL A 156 -13.30 -13.49 7.22
N ARG A 157 -12.60 -13.32 6.11
CA ARG A 157 -11.51 -14.21 5.73
C ARG A 157 -10.31 -13.40 5.36
N VAL A 158 -9.14 -13.99 5.54
CA VAL A 158 -7.87 -13.29 5.21
C VAL A 158 -6.90 -14.14 4.41
N SER A 159 -6.08 -13.45 3.63
CA SER A 159 -4.89 -14.02 2.97
C SER A 159 -3.71 -13.04 3.03
N TYR A 160 -2.51 -13.56 2.85
CA TYR A 160 -1.30 -12.74 2.97
C TYR A 160 -0.26 -13.27 2.02
N LEU A 161 0.06 -12.45 1.03
CA LEU A 161 0.84 -12.83 -0.13
C LEU A 161 2.04 -11.94 -0.22
N GLU A 162 3.22 -12.53 -0.47
CA GLU A 162 4.40 -11.77 -0.89
C GLU A 162 4.72 -12.07 -2.35
N ILE A 163 5.00 -10.99 -3.10
CA ILE A 163 5.46 -11.05 -4.48
C ILE A 163 6.91 -10.63 -4.47
N TYR A 164 7.79 -11.49 -4.99
CA TYR A 164 9.23 -11.18 -5.01
C TYR A 164 9.83 -11.71 -6.27
N ASN A 165 10.31 -10.83 -7.02
CA ASN A 165 11.00 -11.15 -8.27
C ASN A 165 10.15 -12.06 -9.20
N GLU A 166 8.95 -11.67 -9.44
CA GLU A 166 7.96 -12.39 -10.25
C GLU A 166 7.53 -13.76 -9.69
N SER A 167 7.84 -14.05 -8.43
CA SER A 167 7.34 -15.28 -7.79
C SER A 167 6.33 -14.95 -6.67
N LEU A 168 5.38 -15.85 -6.47
CA LEU A 168 4.34 -15.67 -5.47
C LEU A 168 4.62 -16.57 -4.26
N PHE A 169 4.52 -15.99 -3.07
CA PHE A 169 4.72 -16.70 -1.79
C PHE A 169 3.53 -16.49 -0.85
N ASP A 170 3.14 -17.56 -0.18
CA ASP A 170 2.04 -17.52 0.78
C ASP A 170 2.66 -17.40 2.17
N LEU A 171 2.49 -16.24 2.80
CA LEU A 171 3.01 -16.00 4.14
C LEU A 171 2.29 -16.77 5.26
N LEU A 172 1.15 -17.37 4.95
CA LEU A 172 0.40 -18.22 5.90
C LEU A 172 0.31 -19.69 5.48
N SER A 173 1.20 -20.12 4.62
CA SER A 173 1.18 -21.51 4.21
C SER A 173 1.69 -22.46 5.28
N THR A 174 1.51 -23.75 5.01
CA THR A 174 1.84 -24.81 5.98
C THR A 174 3.37 -25.03 6.12
N LEU A 175 4.15 -24.57 5.14
CA LEU A 175 5.64 -24.58 5.13
C LEU A 175 6.15 -23.29 4.49
N PRO A 176 6.01 -22.17 5.20
CA PRO A 176 6.10 -20.87 4.55
C PRO A 176 7.53 -20.36 4.30
N TYR A 177 8.52 -21.17 4.66
CA TYR A 177 9.92 -20.80 4.43
C TYR A 177 10.56 -21.54 3.25
N VAL A 178 9.72 -22.23 2.51
CA VAL A 178 10.07 -22.82 1.21
C VAL A 178 9.15 -22.24 0.11
N GLY A 179 9.68 -22.17 -1.11
CA GLY A 179 9.05 -21.45 -2.21
C GLY A 179 7.92 -22.08 -3.02
N PRO A 180 7.61 -21.46 -4.18
CA PRO A 180 6.71 -21.93 -5.25
C PRO A 180 6.83 -23.38 -5.72
N SER A 181 8.00 -24.01 -5.53
CA SER A 181 8.16 -25.43 -5.88
C SER A 181 7.15 -26.32 -5.11
N VAL A 182 6.93 -26.02 -3.83
CA VAL A 182 6.01 -26.82 -2.99
CA VAL A 182 6.03 -26.79 -2.99
C VAL A 182 4.57 -26.31 -2.98
N THR A 183 4.41 -24.99 -3.04
CA THR A 183 3.15 -24.24 -2.92
C THR A 183 2.91 -23.45 -4.19
N PRO A 184 2.67 -24.12 -5.34
CA PRO A 184 2.55 -23.36 -6.58
C PRO A 184 1.25 -22.52 -6.59
N MET A 185 1.38 -21.28 -7.00
CA MET A 185 0.25 -20.35 -7.05
C MET A 185 0.18 -19.65 -8.41
N THR A 186 -1.04 -19.34 -8.83
CA THR A 186 -1.37 -18.81 -10.15
C THR A 186 -2.46 -17.79 -9.98
N ILE A 187 -2.24 -16.59 -10.50
CA ILE A 187 -3.24 -15.55 -10.45
C ILE A 187 -4.33 -15.89 -11.48
N VAL A 188 -5.58 -15.89 -11.04
CA VAL A 188 -6.72 -16.20 -11.93
C VAL A 188 -7.81 -15.12 -11.85
N GLU A 189 -8.69 -15.15 -12.83
CA GLU A 189 -9.71 -14.15 -12.96
C GLU A 189 -11.06 -14.79 -13.21
N ASN A 190 -12.09 -14.23 -12.62
CA ASN A 190 -13.44 -14.70 -12.93
C ASN A 190 -14.39 -13.51 -12.88
N PRO A 191 -15.70 -13.75 -13.11
CA PRO A 191 -16.66 -12.63 -13.09
C PRO A 191 -16.64 -11.77 -11.82
N GLN A 192 -16.06 -12.31 -10.74
CA GLN A 192 -15.99 -11.62 -9.43
C GLN A 192 -14.70 -10.87 -9.15
N GLY A 193 -13.70 -11.04 -10.01
CA GLY A 193 -12.42 -10.39 -9.85
C GLY A 193 -11.23 -11.32 -9.98
N VAL A 194 -10.11 -10.86 -9.44
CA VAL A 194 -8.83 -11.54 -9.54
C VAL A 194 -8.49 -12.18 -8.18
N PHE A 195 -8.20 -13.48 -8.21
CA PHE A 195 -7.84 -14.24 -7.01
C PHE A 195 -6.58 -15.00 -7.29
N ILE A 196 -6.06 -15.63 -6.24
CA ILE A 196 -4.83 -16.40 -6.34
C ILE A 196 -5.06 -17.87 -6.00
N LYS A 197 -5.16 -18.64 -7.05
CA LYS A 197 -5.19 -20.06 -6.89
C LYS A 197 -3.95 -20.55 -6.13
N GLY A 198 -4.18 -21.26 -5.03
CA GLY A 198 -3.10 -21.88 -4.25
C GLY A 198 -2.79 -21.09 -3.02
N LEU A 199 -3.32 -19.86 -2.92
CA LEU A 199 -3.04 -18.96 -1.80
C LEU A 199 -4.05 -19.28 -0.76
N SER A 200 -3.57 -19.66 0.41
CA SER A 200 -4.45 -20.09 1.49
C SER A 200 -5.32 -18.93 2.02
N VAL A 201 -6.60 -19.24 2.28
CA VAL A 201 -7.61 -18.29 2.75
C VAL A 201 -8.13 -18.80 4.09
N HIS A 202 -8.08 -17.93 5.11
CA HIS A 202 -8.30 -18.29 6.51
C HIS A 202 -9.48 -17.54 7.06
N LEU A 203 -10.44 -18.29 7.59
CA LEU A 203 -11.60 -17.71 8.26
C LEU A 203 -11.18 -17.18 9.61
N THR A 204 -11.56 -15.93 9.88
CA THR A 204 -11.20 -15.26 11.12
C THR A 204 -12.55 -14.87 11.78
N SER A 205 -12.96 -15.63 12.80
CA SER A 205 -14.27 -15.43 13.46
C SER A 205 -14.32 -14.17 14.27
N GLN A 206 -13.17 -13.79 14.83
CA GLN A 206 -13.06 -12.63 15.72
CA GLN A 206 -13.06 -12.59 15.70
C GLN A 206 -11.71 -11.93 15.48
N GLU A 207 -11.59 -10.70 15.96
CA GLU A 207 -10.45 -9.89 15.64
C GLU A 207 -9.14 -10.52 16.12
N GLU A 208 -9.22 -11.28 17.22
CA GLU A 208 -8.04 -11.98 17.74
C GLU A 208 -7.52 -13.05 16.76
N ASP A 209 -8.42 -13.73 16.08
CA ASP A 209 -8.03 -14.69 15.02
C ASP A 209 -7.31 -13.99 13.86
N ALA A 210 -7.79 -12.81 13.48
CA ALA A 210 -7.17 -12.05 12.40
C ALA A 210 -5.82 -11.44 12.82
N PHE A 211 -5.76 -10.92 14.04
CA PHE A 211 -4.52 -10.41 14.63
C PHE A 211 -3.43 -11.47 14.75
N SER A 212 -3.79 -12.71 15.08
CA SER A 212 -2.85 -13.80 15.27
C SER A 212 -2.23 -14.22 13.95
N LEU A 213 -3.05 -14.31 12.92
CA LEU A 213 -2.62 -14.57 11.58
C LEU A 213 -1.74 -13.47 10.98
N LEU A 214 -2.03 -12.22 11.27
CA LEU A 214 -1.17 -11.11 10.85
C LEU A 214 0.23 -11.24 11.48
N PHE A 215 0.24 -11.50 12.78
CA PHE A 215 1.46 -11.86 13.50
C PHE A 215 2.23 -13.05 12.94
N GLU A 216 1.54 -14.16 12.74
CA GLU A 216 2.13 -15.35 12.08
C GLU A 216 2.76 -15.04 10.70
N GLY A 217 2.03 -14.31 9.86
CA GLY A 217 2.51 -14.05 8.48
C GLY A 217 3.71 -13.11 8.45
N GLU A 218 3.70 -12.16 9.38
CA GLU A 218 4.81 -11.24 9.56
C GLU A 218 6.07 -11.98 10.07
N THR A 219 5.91 -12.80 11.10
CA THR A 219 7.00 -13.69 11.55
C THR A 219 7.51 -14.53 10.39
N ASN A 220 6.57 -15.10 9.62
CA ASN A 220 6.91 -15.96 8.47
C ASN A 220 7.68 -15.23 7.37
N ARG A 221 7.32 -13.97 7.16
CA ARG A 221 7.92 -13.13 6.14
C ARG A 221 9.39 -12.98 6.47
N ILE A 222 9.68 -12.65 7.72
CA ILE A 222 11.04 -12.45 8.22
C ILE A 222 11.86 -13.73 8.06
N ILE A 223 11.31 -14.89 8.47
CA ILE A 223 11.99 -16.17 8.37
C ILE A 223 12.27 -16.55 6.91
N ALA A 224 11.26 -16.36 6.08
CA ALA A 224 11.38 -16.63 4.64
C ALA A 224 12.41 -15.71 3.97
N SER A 225 12.56 -14.46 4.41
CA SER A 225 13.60 -13.59 3.83
C SER A 225 15.02 -14.08 4.15
N HIS A 226 15.20 -14.57 5.37
CA HIS A 226 16.47 -15.14 5.78
C HIS A 226 16.68 -16.46 5.11
N THR A 227 15.65 -17.29 5.12
CA THR A 227 15.78 -18.65 4.58
C THR A 227 16.01 -18.68 3.07
N MET A 228 15.35 -17.77 2.35
CA MET A 228 15.43 -17.71 0.91
C MET A 228 16.35 -16.59 0.37
N ASN A 229 17.04 -15.87 1.26
CA ASN A 229 17.99 -14.83 0.87
C ASN A 229 17.32 -13.78 -0.02
N LYS A 230 16.15 -13.32 0.44
CA LYS A 230 15.43 -12.24 -0.19
C LYS A 230 15.84 -10.92 0.47
N ASN A 231 15.95 -9.88 -0.35
CA ASN A 231 16.03 -8.52 0.14
C ASN A 231 14.59 -7.99 0.24
N SER A 232 14.13 -7.73 1.46
CA SER A 232 12.73 -7.34 1.69
C SER A 232 12.36 -5.96 1.08
N SER A 233 13.36 -5.10 0.86
CA SER A 233 13.13 -3.81 0.20
C SER A 233 12.61 -3.98 -1.22
N ARG A 234 12.85 -5.15 -1.80
CA ARG A 234 12.41 -5.49 -3.16
C ARG A 234 11.08 -6.30 -3.27
N SER A 235 10.47 -6.63 -2.15
CA SER A 235 9.25 -7.44 -2.19
C SER A 235 8.01 -6.57 -2.06
N HIS A 236 6.91 -7.02 -2.68
CA HIS A 236 5.60 -6.44 -2.47
C HIS A 236 4.81 -7.39 -1.56
N CYS A 237 4.14 -6.83 -0.56
CA CYS A 237 3.27 -7.65 0.33
C CYS A 237 1.83 -7.18 0.29
N ILE A 238 0.90 -8.12 0.08
CA ILE A 238 -0.55 -7.79 -0.07
C ILE A 238 -1.38 -8.61 0.94
N PHE A 239 -1.88 -7.94 1.97
CA PHE A 239 -2.81 -8.52 2.93
C PHE A 239 -4.24 -8.23 2.40
N THR A 240 -5.02 -9.30 2.21
CA THR A 240 -6.37 -9.21 1.67
C THR A 240 -7.38 -9.64 2.75
N ILE A 241 -8.38 -8.78 2.95
CA ILE A 241 -9.55 -9.08 3.77
C ILE A 241 -10.70 -9.33 2.82
N TYR A 242 -11.24 -10.54 2.87
CA TYR A 242 -12.38 -10.94 2.10
C TYR A 242 -13.61 -10.80 3.00
N LEU A 243 -14.58 -9.97 2.57
CA LEU A 243 -15.83 -9.79 3.32
C LEU A 243 -17.02 -10.37 2.60
N GLU A 244 -17.86 -11.03 3.38
CA GLU A 244 -19.16 -11.54 2.90
C GLU A 244 -20.22 -11.19 3.97
N ALA A 245 -21.26 -10.47 3.55
CA ALA A 245 -22.31 -10.03 4.46
C ALA A 245 -23.67 -10.24 3.78
N HIS A 246 -24.60 -10.83 4.52
CA HIS A 246 -26.00 -10.96 4.02
C HIS A 246 -27.00 -10.76 5.15
N LYS A 254 -30.35 -8.76 0.24
CA LYS A 254 -29.01 -8.12 0.21
C LYS A 254 -27.87 -9.13 0.43
N TYR A 255 -27.27 -9.61 -0.65
CA TYR A 255 -26.04 -10.40 -0.57
C TYR A 255 -24.88 -9.61 -1.15
N ILE A 256 -23.85 -9.41 -0.33
CA ILE A 256 -22.72 -8.52 -0.67
C ILE A 256 -21.40 -9.23 -0.42
N THR A 257 -20.43 -9.00 -1.30
CA THR A 257 -19.05 -9.40 -1.06
C THR A 257 -18.08 -8.25 -1.43
N SER A 258 -16.95 -8.23 -0.77
CA SER A 258 -15.88 -7.29 -1.09
C SER A 258 -14.53 -7.81 -0.63
N LYS A 259 -13.49 -7.12 -1.10
CA LYS A 259 -12.13 -7.32 -0.64
C LYS A 259 -11.56 -5.94 -0.31
N ILE A 260 -10.77 -5.92 0.75
CA ILE A 260 -9.92 -4.80 1.09
C ILE A 260 -8.49 -5.33 0.87
N ASN A 261 -7.72 -4.67 0.01
CA ASN A 261 -6.31 -5.01 -0.24
C ASN A 261 -5.40 -3.96 0.40
N LEU A 262 -4.57 -4.40 1.33
CA LEU A 262 -3.65 -3.52 2.05
C LEU A 262 -2.23 -3.89 1.56
N VAL A 263 -1.58 -2.94 0.88
CA VAL A 263 -0.41 -3.23 0.09
C VAL A 263 0.80 -2.42 0.57
N ASP A 264 1.90 -3.12 0.86
CA ASP A 264 3.22 -2.52 1.17
C ASP A 264 4.14 -2.84 0.00
N LEU A 265 4.39 -1.85 -0.83
CA LEU A 265 5.08 -2.07 -2.07
C LEU A 265 6.62 -2.14 -1.87
N ALA A 266 7.27 -2.66 -2.88
CA ALA A 266 8.69 -2.65 -2.98
C ALA A 266 9.20 -1.18 -3.04
N GLY A 267 10.39 -0.96 -2.52
CA GLY A 267 11.02 0.37 -2.58
C GLY A 267 11.11 0.93 -3.98
N SER A 268 10.80 2.20 -4.12
CA SER A 268 10.71 2.84 -5.42
C SER A 268 12.04 3.54 -5.85
N GLU A 269 13.11 3.40 -5.07
CA GLU A 269 14.43 3.99 -5.43
C GLU A 269 14.99 3.49 -6.76
N TYR A 286 13.94 2.35 -12.17
CA TYR A 286 13.43 1.51 -11.10
C TYR A 286 14.39 0.34 -10.86
N ILE A 287 14.83 0.20 -9.62
CA ILE A 287 15.56 -1.01 -9.17
C ILE A 287 14.64 -2.24 -9.24
N ASN A 288 13.43 -2.04 -8.73
CA ASN A 288 12.41 -3.07 -8.72
C ASN A 288 11.49 -2.90 -9.96
N LYS A 289 11.79 -3.69 -10.98
CA LYS A 289 11.10 -3.67 -12.29
C LYS A 289 9.59 -3.55 -12.25
N SER A 290 8.95 -4.39 -11.43
CA SER A 290 7.47 -4.51 -11.40
C SER A 290 6.75 -3.17 -11.13
N LEU A 291 7.42 -2.27 -10.43
CA LEU A 291 6.91 -0.92 -10.21
C LEU A 291 6.74 -0.14 -11.49
N SER A 292 7.60 -0.43 -12.47
CA SER A 292 7.57 0.27 -13.75
C SER A 292 6.28 -0.10 -14.50
N PHE A 293 5.86 -1.37 -14.40
CA PHE A 293 4.59 -1.78 -14.98
C PHE A 293 3.43 -1.20 -14.23
N LEU A 294 3.53 -1.15 -12.90
CA LEU A 294 2.50 -0.42 -12.12
C LEU A 294 2.40 1.08 -12.49
N GLU A 295 3.54 1.74 -12.65
CA GLU A 295 3.55 3.16 -13.02
C GLU A 295 3.06 3.33 -14.45
N GLN A 296 3.52 2.47 -15.37
CA GLN A 296 2.97 2.40 -16.73
C GLN A 296 1.46 2.21 -16.76
N ALA A 297 0.94 1.32 -15.90
CA ALA A 297 -0.51 1.08 -15.84
C ALA A 297 -1.25 2.36 -15.50
N ILE A 298 -0.75 3.06 -14.50
CA ILE A 298 -1.39 4.24 -13.97
C ILE A 298 -1.32 5.39 -14.98
N ILE A 299 -0.24 5.39 -15.76
CA ILE A 299 -0.08 6.33 -16.88
C ILE A 299 -1.16 6.03 -17.91
N ALA A 300 -1.34 4.76 -18.26
CA ALA A 300 -2.39 4.36 -19.21
C ALA A 300 -3.82 4.74 -18.78
N LEU A 301 -4.15 4.47 -17.51
CA LEU A 301 -5.46 4.79 -16.96
C LEU A 301 -5.75 6.30 -16.99
N GLY A 302 -4.70 7.09 -16.82
CA GLY A 302 -4.81 8.55 -16.87
C GLY A 302 -4.98 9.13 -18.27
N ASP A 303 -4.53 8.38 -19.29
CA ASP A 303 -4.46 8.89 -20.68
C ASP A 303 -5.73 8.63 -21.47
N ILE A 309 -3.88 -2.14 -21.54
CA ILE A 309 -2.90 -2.41 -20.49
C ILE A 309 -2.62 -3.90 -20.35
N PRO A 310 -1.34 -4.30 -20.43
CA PRO A 310 -1.02 -5.71 -20.28
C PRO A 310 -0.84 -6.08 -18.78
N PHE A 311 -1.96 -6.27 -18.09
CA PHE A 311 -1.96 -6.62 -16.65
C PHE A 311 -1.20 -7.87 -16.33
N ARG A 312 -1.27 -8.84 -17.23
CA ARG A 312 -0.64 -10.14 -17.04
C ARG A 312 0.91 -10.14 -17.17
N GLN A 313 1.48 -9.03 -17.62
CA GLN A 313 2.94 -8.94 -17.85
C GLN A 313 3.74 -8.95 -16.56
N CYS A 314 3.08 -8.69 -15.45
CA CYS A 314 3.72 -8.51 -14.19
C CYS A 314 2.75 -9.08 -13.12
N LYS A 315 3.27 -9.88 -12.18
CA LYS A 315 2.46 -10.42 -11.07
C LYS A 315 1.76 -9.34 -10.27
N LEU A 316 2.46 -8.25 -9.96
CA LEU A 316 1.89 -7.11 -9.21
C LEU A 316 0.67 -6.52 -9.89
N THR A 317 0.83 -6.14 -11.16
CA THR A 317 -0.25 -5.51 -11.87
C THR A 317 -1.36 -6.48 -12.10
N HIS A 318 -1.04 -7.75 -12.30
CA HIS A 318 -2.10 -8.79 -12.45
C HIS A 318 -2.91 -8.98 -11.16
N ALA A 319 -2.21 -9.16 -10.05
CA ALA A 319 -2.82 -9.25 -8.72
C ALA A 319 -3.67 -8.04 -8.34
N LEU A 320 -3.28 -6.87 -8.86
CA LEU A 320 -3.95 -5.63 -8.55
C LEU A 320 -4.85 -5.17 -9.70
N LYS A 321 -5.13 -6.02 -10.68
CA LYS A 321 -5.91 -5.62 -11.86
C LYS A 321 -7.23 -4.95 -11.46
N ASP A 322 -7.93 -5.57 -10.50
CA ASP A 322 -9.24 -5.08 -10.07
C ASP A 322 -9.14 -3.77 -9.25
N SER A 323 -7.94 -3.48 -8.73
CA SER A 323 -7.67 -2.27 -7.97
C SER A 323 -7.38 -1.04 -8.86
N LEU A 324 -7.10 -1.29 -10.14
CA LEU A 324 -6.66 -0.25 -11.08
C LEU A 324 -7.79 0.08 -12.07
N GLY A 325 -8.09 -0.86 -12.97
CA GLY A 325 -9.20 -0.69 -13.90
C GLY A 325 -10.61 -0.70 -13.28
N GLY A 326 -11.03 0.42 -12.70
CA GLY A 326 -12.46 0.71 -12.50
C GLY A 326 -13.15 0.54 -11.14
N ASN A 327 -13.51 -0.70 -10.82
CA ASN A 327 -14.47 -1.01 -9.75
C ASN A 327 -13.78 -1.15 -8.37
N CYS A 328 -13.14 -0.07 -7.90
CA CYS A 328 -12.36 -0.09 -6.66
C CYS A 328 -12.06 1.29 -6.12
N ASN A 329 -12.11 1.42 -4.80
CA ASN A 329 -11.69 2.60 -4.11
C ASN A 329 -10.19 2.47 -3.84
N MET A 330 -9.40 3.21 -4.61
CA MET A 330 -7.95 3.13 -4.52
C MET A 330 -7.44 4.29 -3.70
N VAL A 331 -6.65 3.99 -2.67
CA VAL A 331 -5.95 5.03 -1.91
C VAL A 331 -4.44 4.82 -1.98
N LEU A 332 -3.73 5.80 -2.53
CA LEU A 332 -2.28 5.77 -2.55
C LEU A 332 -1.73 6.67 -1.46
N VAL A 333 -0.89 6.09 -0.60
CA VAL A 333 -0.10 6.82 0.42
C VAL A 333 1.39 6.87 0.02
N THR A 334 1.87 8.06 -0.28
CA THR A 334 3.23 8.23 -0.81
C THR A 334 4.16 8.65 0.32
N ASN A 335 5.03 7.73 0.69
CA ASN A 335 5.96 7.96 1.78
C ASN A 335 7.23 8.61 1.24
N ILE A 336 7.55 9.79 1.80
CA ILE A 336 8.73 10.55 1.44
C ILE A 336 9.55 10.98 2.68
N TYR A 337 10.86 10.95 2.52
CA TYR A 337 11.81 11.54 3.46
C TYR A 337 11.61 13.09 3.57
N GLY A 338 11.97 13.67 4.71
CA GLY A 338 11.94 15.14 4.89
C GLY A 338 13.31 15.82 4.69
N GLU A 339 14.30 15.04 4.26
CA GLU A 339 15.69 15.46 4.23
C GLU A 339 16.21 15.79 2.81
N ALA A 340 17.19 16.69 2.75
CA ALA A 340 17.68 17.24 1.48
C ALA A 340 18.32 16.17 0.62
N ALA A 341 19.11 15.30 1.26
CA ALA A 341 19.84 14.26 0.53
C ALA A 341 18.96 13.30 -0.29
N GLN A 342 17.67 13.19 0.05
CA GLN A 342 16.72 12.31 -0.66
C GLN A 342 15.78 13.02 -1.60
N LEU A 343 15.95 14.34 -1.75
CA LEU A 343 15.03 15.15 -2.57
C LEU A 343 14.76 14.66 -4.01
N GLU A 344 15.74 14.02 -4.65
CA GLU A 344 15.53 13.54 -6.04
C GLU A 344 14.57 12.34 -6.14
N GLU A 345 14.72 11.41 -5.21
CA GLU A 345 13.80 10.29 -5.08
C GLU A 345 12.44 10.77 -4.59
N THR A 346 12.43 11.73 -3.67
CA THR A 346 11.19 12.38 -3.23
C THR A 346 10.40 12.96 -4.39
N LEU A 347 11.05 13.70 -5.27
CA LEU A 347 10.39 14.26 -6.45
C LEU A 347 9.84 13.17 -7.37
N SER A 348 10.62 12.11 -7.59
CA SER A 348 10.16 10.95 -8.36
C SER A 348 8.88 10.34 -7.76
N SER A 349 8.84 10.23 -6.44
CA SER A 349 7.67 9.68 -5.77
C SER A 349 6.48 10.61 -5.91
N LEU A 350 6.73 11.91 -5.79
CA LEU A 350 5.65 12.89 -5.90
C LEU A 350 5.11 13.00 -7.31
N ARG A 351 5.98 12.84 -8.31
CA ARG A 351 5.50 12.73 -9.70
C ARG A 351 4.57 11.52 -9.92
N PHE A 352 4.88 10.40 -9.25
CA PHE A 352 4.03 9.20 -9.27
C PHE A 352 2.70 9.45 -8.55
N ALA A 353 2.80 9.93 -7.32
CA ALA A 353 1.63 10.33 -6.55
C ALA A 353 0.69 11.19 -7.40
N SER A 354 1.28 12.09 -8.19
CA SER A 354 0.51 13.05 -9.00
C SER A 354 -0.20 12.46 -10.22
N ARG A 355 0.19 11.26 -10.65
CA ARG A 355 -0.53 10.55 -11.72
C ARG A 355 -1.94 10.05 -11.33
N MET A 356 -2.22 9.91 -10.03
CA MET A 356 -3.49 9.30 -9.56
C MET A 356 -4.74 10.14 -9.76
N LYS A 357 -4.60 11.47 -9.75
CA LYS A 357 -5.75 12.37 -9.96
C LYS A 357 -6.37 12.27 -11.37
N LEU A 358 -5.61 11.72 -12.31
CA LEU A 358 -6.07 11.61 -13.69
C LEU A 358 -6.72 10.26 -13.94
N VAL A 359 -6.59 9.33 -12.99
CA VAL A 359 -7.10 7.97 -13.17
C VAL A 359 -8.63 7.97 -13.12
#